data_6H17
#
_entry.id   6H17
#
_cell.length_a   117.349
_cell.length_b   117.349
_cell.length_c   117.349
_cell.angle_alpha   90.000
_cell.angle_beta   90.000
_cell.angle_gamma   90.000
#
_symmetry.space_group_name_H-M   'I 2 3'
#
loop_
_entity.id
_entity.type
_entity.pdbx_description
1 polymer 'Mutual gliding-motility protein MglA'
2 non-polymer 'MAGNESIUM ION'
3 non-polymer "5'-GUANOSINE-DIPHOSPHATE-MONOTHIOPHOSPHATE"
4 non-polymer 'SULFATE ION'
5 water water
#
_entity_poly.entity_id   1
_entity_poly.type   'polypeptide(L)'
_entity_poly.pdbx_seq_one_letter_code
;MSFINYSSREINCKIVYYGPGLCGKTTNLQYIYNKTAAETKGKLISLSTETDRTLFFDFLPLSLGEIRGFKTRFHLYTVP
GQVFYDASRKLILKGVDGVVFVADSQIERMEANMESLENLRINLAEQGYDLNKIPYVIQYNKRDLPNAVTVEEMRKALNH
RNIPEYQAVAPTGVGVFDTLKAVAKLVLTELKKGGHHHHHH
;
_entity_poly.pdbx_strand_id   A
#
# COMPACT_ATOMS: atom_id res chain seq x y z
N SER A 2 9.26 -5.40 -10.18
CA SER A 2 10.12 -4.26 -10.49
C SER A 2 10.50 -4.32 -11.95
N PHE A 3 10.89 -3.17 -12.50
CA PHE A 3 11.47 -3.13 -13.83
C PHE A 3 12.88 -2.53 -13.70
N ILE A 4 13.87 -3.26 -14.19
CA ILE A 4 15.26 -2.80 -14.16
C ILE A 4 15.72 -2.63 -15.59
N ASN A 5 16.15 -1.42 -15.93
CA ASN A 5 16.75 -1.14 -17.24
C ASN A 5 18.25 -1.00 -17.00
N TYR A 6 19.01 -2.04 -17.38
CA TYR A 6 20.45 -2.04 -17.12
C TYR A 6 21.20 -1.11 -18.05
N SER A 7 20.58 -0.68 -19.16
CA SER A 7 21.23 0.26 -20.05
C SER A 7 21.12 1.67 -19.48
N SER A 8 19.90 2.12 -19.14
CA SER A 8 19.71 3.46 -18.63
C SER A 8 20.04 3.57 -17.15
N ARG A 9 20.19 2.43 -16.47
CA ARG A 9 20.47 2.38 -15.03
C ARG A 9 19.29 2.87 -14.21
N GLU A 10 18.08 2.50 -14.61
CA GLU A 10 16.86 2.92 -13.91
C GLU A 10 16.11 1.71 -13.40
N ILE A 11 15.63 1.83 -12.15
CA ILE A 11 14.79 0.82 -11.52
C ILE A 11 13.49 1.48 -11.11
N ASN A 12 12.37 0.87 -11.48
CA ASN A 12 11.07 1.32 -11.01
C ASN A 12 10.43 0.22 -10.19
N CYS A 13 10.04 0.57 -8.97
N CYS A 13 9.98 0.55 -9.00
CA CYS A 13 9.40 -0.32 -8.02
CA CYS A 13 9.32 -0.44 -8.18
C CYS A 13 7.95 0.11 -7.87
C CYS A 13 8.00 0.09 -7.65
N LYS A 14 7.08 -0.85 -7.50
CA LYS A 14 5.66 -0.58 -7.31
C LYS A 14 5.22 -0.98 -5.91
N ILE A 15 4.60 -0.04 -5.21
CA ILE A 15 4.00 -0.29 -3.90
C ILE A 15 2.49 -0.11 -4.03
N VAL A 16 1.72 -1.09 -3.56
CA VAL A 16 0.27 -0.99 -3.59
C VAL A 16 -0.27 -0.90 -2.16
N TYR A 17 -1.09 0.14 -1.92
CA TYR A 17 -1.87 0.28 -0.68
C TYR A 17 -3.21 -0.39 -0.90
N TYR A 18 -3.52 -1.34 -0.03
CA TYR A 18 -4.70 -2.20 -0.14
C TYR A 18 -5.51 -2.07 1.13
N GLY A 19 -6.77 -2.50 1.10
CA GLY A 19 -7.62 -2.45 2.26
C GLY A 19 -9.05 -2.15 1.88
N PRO A 20 -9.96 -2.25 2.83
CA PRO A 20 -11.40 -2.19 2.52
C PRO A 20 -11.84 -0.77 2.16
N GLY A 21 -13.08 -0.66 1.71
CA GLY A 21 -13.62 0.64 1.36
C GLY A 21 -13.44 1.65 2.45
N LEU A 22 -13.05 2.86 2.09
CA LEU A 22 -12.99 4.01 2.99
C LEU A 22 -12.01 3.83 4.15
N CYS A 23 -11.01 2.97 4.02
CA CYS A 23 -10.15 2.67 5.15
C CYS A 23 -9.01 3.66 5.35
N GLY A 24 -8.65 4.45 4.35
CA GLY A 24 -7.62 5.45 4.46
C GLY A 24 -6.46 5.35 3.47
N LYS A 25 -6.60 4.58 2.39
CA LYS A 25 -5.51 4.42 1.42
C LYS A 25 -5.18 5.74 0.72
N THR A 26 -6.20 6.36 0.11
CA THR A 26 -5.99 7.65 -0.56
C THR A 26 -5.43 8.67 0.40
N THR A 27 -5.94 8.70 1.64
CA THR A 27 -5.49 9.68 2.63
C THR A 27 -4.01 9.51 2.93
N ASN A 28 -3.53 8.26 3.00
CA ASN A 28 -2.09 8.03 3.18
C ASN A 28 -1.30 8.73 2.08
N LEU A 29 -1.66 8.49 0.82
CA LEU A 29 -0.90 9.10 -0.28
C LEU A 29 -1.03 10.63 -0.29
N GLN A 30 -2.18 11.16 0.09
CA GLN A 30 -2.32 12.61 0.14
CA GLN A 30 -2.34 12.62 0.16
C GLN A 30 -1.40 13.22 1.19
N TYR A 31 -1.27 12.59 2.37
CA TYR A 31 -0.37 13.10 3.38
C TYR A 31 1.08 12.99 2.90
N ILE A 32 1.44 11.84 2.32
CA ILE A 32 2.80 11.67 1.78
C ILE A 32 3.11 12.76 0.76
N TYR A 33 2.20 12.98 -0.18
CA TYR A 33 2.43 14.04 -1.16
C TYR A 33 2.58 15.40 -0.49
N ASN A 34 1.67 15.72 0.43
CA ASN A 34 1.67 17.06 1.00
C ASN A 34 2.95 17.34 1.77
N LYS A 35 3.49 16.33 2.45
CA LYS A 35 4.59 16.52 3.37
C LYS A 35 5.95 16.06 2.86
N THR A 36 6.06 15.61 1.63
CA THR A 36 7.35 15.25 1.07
C THR A 36 7.95 16.46 0.39
N ALA A 37 9.28 16.57 0.48
CA ALA A 37 9.99 17.65 -0.17
C ALA A 37 9.74 17.65 -1.66
N ALA A 38 9.63 18.84 -2.25
CA ALA A 38 9.31 18.94 -3.66
C ALA A 38 10.35 18.23 -4.54
N GLU A 39 11.61 18.14 -4.07
CA GLU A 39 12.67 17.59 -4.89
C GLU A 39 12.67 16.06 -4.97
N THR A 40 11.91 15.38 -4.11
CA THR A 40 11.91 13.93 -4.09
C THR A 40 10.55 13.33 -4.38
N LYS A 41 9.62 14.13 -4.90
CA LYS A 41 8.29 13.62 -5.22
C LYS A 41 7.89 14.08 -6.61
N GLY A 42 7.11 13.25 -7.27
CA GLY A 42 6.32 13.67 -8.40
C GLY A 42 4.93 14.08 -7.93
N LYS A 43 4.02 14.17 -8.89
CA LYS A 43 2.67 14.64 -8.65
C LYS A 43 1.74 13.51 -8.27
N LEU A 44 0.94 13.73 -7.22
CA LEU A 44 -0.12 12.80 -6.86
C LEU A 44 -1.28 13.01 -7.83
N ILE A 45 -1.70 11.94 -8.49
CA ILE A 45 -2.80 12.01 -9.44
C ILE A 45 -3.82 10.93 -9.16
N SER A 46 -5.05 11.21 -9.55
CA SER A 46 -6.13 10.23 -9.56
C SER A 46 -6.31 9.71 -10.97
N LEU A 47 -6.73 8.45 -11.05
CA LEU A 47 -7.00 7.82 -12.32
C LEU A 47 -8.32 7.08 -12.25
N SER A 48 -9.02 7.09 -13.38
CA SER A 48 -10.24 6.34 -13.60
C SER A 48 -10.38 6.20 -15.10
N THR A 49 -11.39 5.47 -15.54
CA THR A 49 -11.60 5.27 -16.97
C THR A 49 -12.97 5.78 -17.42
N GLU A 50 -13.10 5.94 -18.74
CA GLU A 50 -14.37 6.39 -19.29
C GLU A 50 -15.51 5.45 -18.96
N THR A 51 -15.22 4.16 -18.76
CA THR A 51 -16.25 3.18 -18.44
C THR A 51 -16.83 3.40 -17.05
N ASP A 52 -16.03 3.89 -16.10
CA ASP A 52 -16.53 4.20 -14.75
C ASP A 52 -15.69 5.37 -14.22
N ARG A 53 -16.14 6.58 -14.57
CA ARG A 53 -15.29 7.74 -14.43
C ARG A 53 -15.04 8.13 -12.98
N THR A 54 -15.90 7.69 -12.06
CA THR A 54 -15.76 8.05 -10.66
C THR A 54 -15.18 6.91 -9.84
N LEU A 55 -14.66 5.87 -10.48
CA LEU A 55 -14.00 4.78 -9.76
C LEU A 55 -12.52 5.15 -9.71
N PHE A 56 -12.11 5.83 -8.64
CA PHE A 56 -10.81 6.46 -8.60
C PHE A 56 -9.81 5.63 -7.81
N PHE A 57 -8.59 5.60 -8.32
CA PHE A 57 -7.45 5.19 -7.50
C PHE A 57 -6.30 6.15 -7.78
N ASP A 58 -5.25 6.05 -6.98
CA ASP A 58 -4.23 7.08 -6.92
C ASP A 58 -2.89 6.53 -7.38
N PHE A 59 -2.05 7.46 -7.86
CA PHE A 59 -0.69 7.21 -8.29
C PHE A 59 0.22 8.33 -7.81
N LEU A 60 1.36 7.95 -7.23
CA LEU A 60 2.31 8.94 -6.71
C LEU A 60 3.73 8.41 -6.84
N PRO A 61 4.58 9.04 -7.67
CA PRO A 61 5.98 8.62 -7.75
C PRO A 61 6.86 9.37 -6.76
N LEU A 62 7.82 8.64 -6.17
CA LEU A 62 8.68 9.17 -5.13
C LEU A 62 10.09 8.62 -5.25
N SER A 63 11.03 9.40 -4.75
CA SER A 63 12.39 8.94 -4.53
CA SER A 63 12.39 8.94 -4.53
C SER A 63 12.54 8.62 -3.05
N LEU A 64 12.95 7.40 -2.75
CA LEU A 64 13.16 6.96 -1.38
C LEU A 64 14.65 6.55 -1.33
N GLY A 65 14.95 5.34 -0.92
CA GLY A 65 16.33 4.91 -0.87
C GLY A 65 16.93 4.62 -2.23
N GLU A 66 18.21 4.36 -2.20
CA GLU A 66 19.02 4.20 -3.39
C GLU A 66 19.64 2.82 -3.44
N ILE A 67 19.76 2.29 -4.66
CA ILE A 67 20.62 1.16 -5.01
C ILE A 67 21.81 1.74 -5.77
N ARG A 68 23.02 1.47 -5.30
CA ARG A 68 24.21 2.09 -5.90
C ARG A 68 24.26 1.78 -7.38
N GLY A 69 24.52 2.81 -8.19
CA GLY A 69 24.67 2.64 -9.63
C GLY A 69 23.40 2.70 -10.42
N PHE A 70 22.27 2.98 -9.78
CA PHE A 70 20.98 3.08 -10.45
C PHE A 70 20.24 4.30 -9.90
N LYS A 71 19.29 4.81 -10.69
N LYS A 71 19.25 4.75 -10.68
CA LYS A 71 18.23 5.69 -10.21
CA LYS A 71 18.23 5.69 -10.21
C LYS A 71 17.03 4.79 -9.91
C LYS A 71 16.97 4.87 -9.93
N THR A 72 16.52 4.89 -8.68
CA THR A 72 15.42 4.06 -8.25
C THR A 72 14.25 4.96 -7.90
N ARG A 73 13.10 4.63 -8.43
CA ARG A 73 11.88 5.38 -8.13
C ARG A 73 10.81 4.40 -7.67
N PHE A 74 10.05 4.84 -6.67
CA PHE A 74 8.92 4.09 -6.16
C PHE A 74 7.63 4.70 -6.69
N HIS A 75 6.74 3.86 -7.19
CA HIS A 75 5.43 4.27 -7.69
C HIS A 75 4.40 3.70 -6.74
N LEU A 76 3.76 4.58 -5.99
CA LEU A 76 2.72 4.20 -5.05
C LEU A 76 1.36 4.25 -5.72
N TYR A 77 0.57 3.18 -5.50
CA TYR A 77 -0.79 3.08 -6.00
C TYR A 77 -1.72 2.78 -4.84
N THR A 78 -2.94 3.26 -4.93
CA THR A 78 -4.03 2.69 -4.13
C THR A 78 -4.94 1.89 -5.04
N VAL A 79 -5.91 1.21 -4.44
CA VAL A 79 -6.92 0.46 -5.16
C VAL A 79 -8.29 0.91 -4.70
N PRO A 80 -9.34 0.60 -5.45
CA PRO A 80 -10.71 0.79 -4.92
C PRO A 80 -11.05 -0.37 -4.02
N GLY A 81 -11.26 -0.10 -2.74
CA GLY A 81 -11.42 -1.13 -1.75
C GLY A 81 -12.80 -1.70 -1.58
N GLN A 82 -13.84 -1.04 -2.09
CA GLN A 82 -15.17 -1.58 -1.92
C GLN A 82 -15.29 -2.94 -2.61
N VAL A 83 -16.06 -3.85 -2.00
CA VAL A 83 -15.97 -5.27 -2.34
C VAL A 83 -16.17 -5.52 -3.84
N PHE A 84 -17.08 -4.79 -4.48
CA PHE A 84 -17.46 -5.09 -5.86
C PHE A 84 -16.31 -4.94 -6.84
N TYR A 85 -15.28 -4.17 -6.52
CA TYR A 85 -14.28 -3.74 -7.50
C TYR A 85 -13.06 -4.64 -7.57
N ASP A 86 -13.29 -5.94 -7.47
CA ASP A 86 -12.17 -6.90 -7.51
C ASP A 86 -11.38 -6.79 -8.81
N ALA A 87 -12.07 -6.58 -9.93
CA ALA A 87 -11.35 -6.52 -11.20
C ALA A 87 -10.33 -5.39 -11.22
N SER A 88 -10.69 -4.23 -10.67
N SER A 88 -10.69 -4.24 -10.67
CA SER A 88 -9.76 -3.12 -10.61
CA SER A 88 -9.76 -3.12 -10.63
C SER A 88 -8.58 -3.43 -9.72
C SER A 88 -8.58 -3.40 -9.71
N ARG A 89 -8.85 -4.02 -8.55
CA ARG A 89 -7.76 -4.37 -7.64
C ARG A 89 -6.78 -5.32 -8.32
N LYS A 90 -7.30 -6.28 -9.08
CA LYS A 90 -6.42 -7.24 -9.75
C LYS A 90 -5.56 -6.57 -10.80
N LEU A 91 -6.10 -5.60 -11.53
N LEU A 91 -6.10 -5.62 -11.55
CA LEU A 91 -5.30 -4.89 -12.53
CA LEU A 91 -5.28 -4.90 -12.53
C LEU A 91 -4.18 -4.09 -11.88
C LEU A 91 -4.14 -4.18 -11.83
N ILE A 92 -4.44 -3.49 -10.74
CA ILE A 92 -3.45 -2.64 -10.08
C ILE A 92 -2.37 -3.47 -9.42
N LEU A 93 -2.69 -4.68 -8.94
CA LEU A 93 -1.71 -5.49 -8.27
C LEU A 93 -0.65 -6.07 -9.19
N LYS A 94 -0.87 -6.06 -10.49
CA LYS A 94 0.12 -6.65 -11.40
C LYS A 94 1.47 -5.98 -11.20
N GLY A 95 2.51 -6.79 -11.07
CA GLY A 95 3.86 -6.25 -10.95
C GLY A 95 4.21 -5.66 -9.60
N VAL A 96 3.38 -5.87 -8.57
CA VAL A 96 3.64 -5.24 -7.28
C VAL A 96 4.94 -5.77 -6.69
N ASP A 97 5.70 -4.86 -6.06
CA ASP A 97 6.91 -5.21 -5.32
C ASP A 97 6.74 -5.17 -3.82
N GLY A 98 5.83 -4.36 -3.31
CA GLY A 98 5.55 -4.37 -1.88
C GLY A 98 4.13 -3.91 -1.65
N VAL A 99 3.55 -4.36 -0.54
CA VAL A 99 2.17 -4.04 -0.21
C VAL A 99 2.07 -3.45 1.18
N VAL A 100 1.22 -2.44 1.32
CA VAL A 100 0.79 -1.91 2.62
C VAL A 100 -0.68 -2.26 2.73
N PHE A 101 -1.06 -3.02 3.74
CA PHE A 101 -2.47 -3.26 4.02
C PHE A 101 -2.93 -2.24 5.05
N VAL A 102 -3.88 -1.40 4.69
CA VAL A 102 -4.43 -0.36 5.56
C VAL A 102 -5.72 -0.92 6.15
N ALA A 103 -5.70 -1.21 7.45
CA ALA A 103 -6.89 -1.70 8.14
C ALA A 103 -7.61 -0.53 8.80
N ASP A 104 -8.93 -0.54 8.70
CA ASP A 104 -9.75 0.43 9.41
C ASP A 104 -9.98 -0.07 10.83
N SER A 105 -9.47 0.65 11.83
CA SER A 105 -9.55 0.13 13.20
C SER A 105 -10.96 0.12 13.76
N GLN A 106 -11.93 0.80 13.15
CA GLN A 106 -13.28 0.81 13.70
C GLN A 106 -13.82 -0.61 13.83
N ILE A 107 -14.44 -0.89 14.99
CA ILE A 107 -14.88 -2.26 15.27
C ILE A 107 -15.90 -2.74 14.23
N GLU A 108 -16.75 -1.84 13.74
N GLU A 108 -16.75 -1.85 13.73
CA GLU A 108 -17.74 -2.19 12.73
CA GLU A 108 -17.75 -2.28 12.76
C GLU A 108 -17.14 -2.67 11.43
C GLU A 108 -17.18 -2.54 11.37
N ARG A 109 -15.88 -2.31 11.17
CA ARG A 109 -15.22 -2.61 9.91
C ARG A 109 -14.27 -3.80 10.01
N MET A 110 -14.28 -4.53 11.12
CA MET A 110 -13.37 -5.67 11.23
C MET A 110 -13.66 -6.73 10.20
N GLU A 111 -14.93 -7.04 9.95
CA GLU A 111 -15.22 -8.05 8.94
C GLU A 111 -14.71 -7.60 7.59
N ALA A 112 -14.89 -6.32 7.26
CA ALA A 112 -14.41 -5.80 5.99
C ALA A 112 -12.90 -5.87 5.91
N ASN A 113 -12.20 -5.59 7.02
CA ASN A 113 -10.75 -5.76 7.05
C ASN A 113 -10.37 -7.20 6.71
N MET A 114 -11.04 -8.17 7.35
N MET A 114 -11.03 -8.16 7.38
CA MET A 114 -10.69 -9.56 7.12
CA MET A 114 -10.65 -9.56 7.20
C MET A 114 -10.99 -10.00 5.70
C MET A 114 -10.91 -10.02 5.78
N GLU A 115 -12.13 -9.57 5.16
N GLU A 115 -12.05 -9.59 5.20
CA GLU A 115 -12.46 -9.91 3.77
CA GLU A 115 -12.37 -9.97 3.83
C GLU A 115 -11.42 -9.35 2.83
C GLU A 115 -11.37 -9.37 2.86
N SER A 116 -11.02 -8.09 3.04
CA SER A 116 -10.05 -7.46 2.16
C SER A 116 -8.67 -8.11 2.27
N LEU A 117 -8.26 -8.50 3.48
CA LEU A 117 -6.96 -9.15 3.65
C LEU A 117 -6.94 -10.51 2.97
N GLU A 118 -8.03 -11.27 3.06
CA GLU A 118 -8.10 -12.53 2.34
C GLU A 118 -8.12 -12.30 0.84
N ASN A 119 -8.83 -11.27 0.38
CA ASN A 119 -8.85 -10.91 -1.03
C ASN A 119 -7.45 -10.56 -1.54
N LEU A 120 -6.66 -9.85 -0.72
CA LEU A 120 -5.27 -9.59 -1.09
C LEU A 120 -4.50 -10.90 -1.27
N ARG A 121 -4.63 -11.81 -0.33
N ARG A 121 -4.63 -11.81 -0.33
CA ARG A 121 -3.91 -13.08 -0.43
CA ARG A 121 -3.91 -13.08 -0.43
C ARG A 121 -4.32 -13.84 -1.68
C ARG A 121 -4.32 -13.84 -1.68
N ILE A 122 -5.62 -13.91 -1.96
CA ILE A 122 -6.12 -14.63 -3.12
C ILE A 122 -5.66 -13.97 -4.40
N ASN A 123 -5.75 -12.64 -4.48
CA ASN A 123 -5.37 -11.96 -5.71
C ASN A 123 -3.88 -12.11 -5.98
N LEU A 124 -3.05 -12.05 -4.93
CA LEU A 124 -1.64 -12.32 -5.13
C LEU A 124 -1.41 -13.73 -5.66
N ALA A 125 -2.12 -14.73 -5.09
CA ALA A 125 -1.99 -16.09 -5.60
C ALA A 125 -2.45 -16.20 -7.04
N GLU A 126 -3.49 -15.49 -7.42
CA GLU A 126 -4.01 -15.55 -8.79
C GLU A 126 -3.16 -14.85 -9.81
N GLN A 127 -2.06 -14.18 -9.42
CA GLN A 127 -1.07 -13.69 -10.37
C GLN A 127 0.29 -14.33 -10.10
N GLY A 128 0.32 -15.41 -9.33
CA GLY A 128 1.53 -16.17 -9.10
C GLY A 128 2.40 -15.69 -7.95
N TYR A 129 1.91 -14.78 -7.13
CA TYR A 129 2.65 -14.26 -6.00
C TYR A 129 2.17 -14.94 -4.72
N ASP A 130 2.86 -14.65 -3.61
CA ASP A 130 2.55 -15.20 -2.29
C ASP A 130 2.69 -14.09 -1.26
N LEU A 131 1.59 -13.76 -0.57
CA LEU A 131 1.62 -12.71 0.45
C LEU A 131 2.64 -13.00 1.54
N ASN A 132 2.92 -14.29 1.81
CA ASN A 132 3.83 -14.65 2.88
C ASN A 132 5.28 -14.28 2.57
N LYS A 133 5.62 -14.09 1.30
CA LYS A 133 6.99 -13.84 0.88
C LYS A 133 7.26 -12.41 0.51
N ILE A 134 6.26 -11.68 0.04
CA ILE A 134 6.44 -10.35 -0.53
C ILE A 134 6.69 -9.33 0.57
N PRO A 135 7.47 -8.28 0.32
CA PRO A 135 7.52 -7.14 1.25
C PRO A 135 6.12 -6.66 1.59
N TYR A 136 5.82 -6.59 2.89
CA TYR A 136 4.44 -6.40 3.34
C TYR A 136 4.44 -5.80 4.73
N VAL A 137 3.69 -4.72 4.90
CA VAL A 137 3.54 -4.01 6.16
C VAL A 137 2.05 -3.77 6.37
N ILE A 138 1.61 -3.84 7.62
CA ILE A 138 0.22 -3.58 7.96
C ILE A 138 0.11 -2.31 8.78
N GLN A 139 -0.91 -1.52 8.48
CA GLN A 139 -1.19 -0.27 9.18
C GLN A 139 -2.55 -0.36 9.84
N TYR A 140 -2.60 -0.06 11.13
CA TYR A 140 -3.87 0.01 11.87
C TYR A 140 -4.27 1.48 11.89
N ASN A 141 -5.08 1.88 10.93
CA ASN A 141 -5.45 3.28 10.74
C ASN A 141 -6.68 3.62 11.56
N LYS A 142 -6.94 4.92 11.67
CA LYS A 142 -8.09 5.46 12.41
C LYS A 142 -7.98 5.21 13.92
N ARG A 143 -6.76 5.32 14.46
CA ARG A 143 -6.57 5.14 15.89
C ARG A 143 -7.22 6.23 16.72
N ASP A 144 -7.62 7.34 16.10
CA ASP A 144 -8.22 8.46 16.79
C ASP A 144 -9.68 8.24 17.15
N LEU A 145 -10.32 7.21 16.59
CA LEU A 145 -11.76 7.09 16.74
C LEU A 145 -12.13 6.32 18.02
N PRO A 146 -13.22 6.70 18.68
CA PRO A 146 -13.57 6.06 19.95
C PRO A 146 -13.99 4.61 19.78
N ASN A 147 -14.43 4.23 18.58
CA ASN A 147 -14.83 2.87 18.28
C ASN A 147 -13.68 2.04 17.70
N ALA A 148 -12.44 2.52 17.79
CA ALA A 148 -11.29 1.74 17.34
C ALA A 148 -11.06 0.54 18.26
N VAL A 149 -10.79 -0.60 17.64
CA VAL A 149 -10.38 -1.81 18.36
C VAL A 149 -9.00 -1.59 18.97
N THR A 150 -8.70 -2.30 20.06
CA THR A 150 -7.38 -2.10 20.64
C THR A 150 -6.29 -2.63 19.70
N VAL A 151 -5.08 -2.10 19.85
CA VAL A 151 -3.99 -2.52 18.97
C VAL A 151 -3.72 -4.01 19.13
N GLU A 152 -3.74 -4.49 20.36
CA GLU A 152 -3.50 -5.91 20.59
C GLU A 152 -4.53 -6.76 19.88
N GLU A 153 -5.80 -6.33 19.89
CA GLU A 153 -6.83 -7.08 19.20
C GLU A 153 -6.69 -6.99 17.68
N MET A 154 -6.24 -5.84 17.16
CA MET A 154 -5.96 -5.74 15.73
C MET A 154 -4.87 -6.72 15.32
N ARG A 155 -3.81 -6.82 16.13
CA ARG A 155 -2.71 -7.72 15.83
C ARG A 155 -3.18 -9.16 15.86
N LYS A 156 -3.95 -9.52 16.87
CA LYS A 156 -4.42 -10.90 16.95
C LYS A 156 -5.38 -11.23 15.80
N ALA A 157 -6.16 -10.26 15.34
CA ALA A 157 -7.10 -10.53 14.27
C ALA A 157 -6.46 -10.54 12.90
N LEU A 158 -5.44 -9.70 12.65
CA LEU A 158 -4.99 -9.40 11.30
C LEU A 158 -3.51 -9.62 11.06
N ASN A 159 -2.71 -9.90 12.07
CA ASN A 159 -1.26 -10.00 11.91
C ASN A 159 -0.72 -11.25 12.58
N HIS A 160 -1.15 -12.40 12.06
CA HIS A 160 -0.78 -13.67 12.68
C HIS A 160 0.70 -13.99 12.53
N ARG A 161 1.35 -13.46 11.49
CA ARG A 161 2.74 -13.73 11.23
C ARG A 161 3.69 -12.66 11.78
N ASN A 162 3.18 -11.69 12.52
CA ASN A 162 3.99 -10.64 13.15
C ASN A 162 4.92 -9.97 12.15
N ILE A 163 4.35 -9.58 11.02
CA ILE A 163 5.07 -8.70 10.10
C ILE A 163 5.01 -7.27 10.63
N PRO A 164 5.76 -6.34 10.05
CA PRO A 164 5.82 -5.00 10.64
C PRO A 164 4.45 -4.34 10.64
N GLU A 165 4.11 -3.69 11.76
CA GLU A 165 2.80 -3.08 11.96
C GLU A 165 2.97 -1.68 12.52
N TYR A 166 2.10 -0.77 12.08
CA TYR A 166 2.16 0.63 12.49
C TYR A 166 0.77 1.15 12.81
N GLN A 167 0.64 1.80 13.96
CA GLN A 167 -0.56 2.58 14.26
C GLN A 167 -0.56 3.84 13.41
N ALA A 168 -1.74 4.24 12.93
CA ALA A 168 -1.83 5.44 12.11
C ALA A 168 -3.09 6.24 12.35
N VAL A 169 -2.97 7.54 12.07
CA VAL A 169 -4.10 8.47 11.91
C VAL A 169 -3.79 9.20 10.61
N ALA A 170 -4.21 8.64 9.48
CA ALA A 170 -3.66 9.11 8.22
C ALA A 170 -3.87 10.60 7.96
N PRO A 171 -5.03 11.21 8.28
CA PRO A 171 -5.21 12.63 7.95
C PRO A 171 -4.23 13.54 8.64
N THR A 172 -3.76 13.17 9.83
CA THR A 172 -2.82 14.01 10.58
C THR A 172 -1.39 13.52 10.45
N GLY A 173 -1.17 12.42 9.74
CA GLY A 173 0.15 11.89 9.48
C GLY A 173 0.67 10.89 10.47
N VAL A 174 -0.04 10.60 11.57
CA VAL A 174 0.48 9.64 12.53
C VAL A 174 0.75 8.33 11.82
N GLY A 175 2.00 7.84 11.90
CA GLY A 175 2.37 6.54 11.35
C GLY A 175 2.56 6.48 9.84
N VAL A 176 2.28 7.55 9.11
CA VAL A 176 2.23 7.45 7.66
C VAL A 176 3.62 7.27 7.05
N PHE A 177 4.56 8.13 7.38
CA PHE A 177 5.90 7.95 6.85
C PHE A 177 6.59 6.71 7.42
N ASP A 178 6.34 6.36 8.66
CA ASP A 178 6.96 5.13 9.19
C ASP A 178 6.50 3.91 8.40
N THR A 179 5.22 3.85 8.06
CA THR A 179 4.69 2.73 7.28
C THR A 179 5.37 2.68 5.92
N LEU A 180 5.41 3.81 5.23
CA LEU A 180 6.01 3.86 3.89
C LEU A 180 7.49 3.48 3.94
N LYS A 181 8.24 4.06 4.87
CA LYS A 181 9.68 3.81 4.91
C LYS A 181 9.93 2.34 5.22
N ALA A 182 9.10 1.71 6.02
CA ALA A 182 9.30 0.31 6.35
C ALA A 182 9.14 -0.57 5.10
N VAL A 183 8.08 -0.37 4.34
CA VAL A 183 7.88 -1.21 3.16
C VAL A 183 8.94 -0.91 2.10
N ALA A 184 9.30 0.37 1.94
CA ALA A 184 10.31 0.72 0.93
C ALA A 184 11.64 0.09 1.24
N LYS A 185 12.03 0.04 2.52
CA LYS A 185 13.28 -0.60 2.91
C LYS A 185 13.24 -2.09 2.60
N LEU A 186 12.12 -2.76 2.87
CA LEU A 186 12.00 -4.17 2.55
C LEU A 186 12.14 -4.42 1.05
N VAL A 187 11.53 -3.55 0.23
CA VAL A 187 11.64 -3.69 -1.22
C VAL A 187 13.08 -3.50 -1.66
N LEU A 188 13.76 -2.47 -1.13
CA LEU A 188 15.15 -2.25 -1.52
C LEU A 188 16.04 -3.42 -1.13
N THR A 189 15.82 -3.98 0.06
CA THR A 189 16.63 -5.13 0.47
C THR A 189 16.47 -6.28 -0.52
N GLU A 190 15.25 -6.50 -1.02
CA GLU A 190 15.05 -7.57 -2.00
C GLU A 190 15.75 -7.25 -3.30
N LEU A 191 15.68 -6.01 -3.77
CA LEU A 191 16.41 -5.62 -4.97
C LEU A 191 17.89 -5.92 -4.83
N LYS A 192 18.49 -5.56 -3.70
CA LYS A 192 19.92 -5.80 -3.52
C LYS A 192 20.25 -7.28 -3.49
N LYS A 193 19.27 -8.14 -3.20
CA LYS A 193 19.52 -9.58 -3.16
C LYS A 193 19.63 -10.13 -4.58
N GLY A 194 18.49 -10.37 -5.22
CA GLY A 194 18.48 -10.92 -6.57
C GLY A 194 18.16 -9.88 -7.62
#